data_8TJU
#
_entry.id   8TJU
#
loop_
_entity.id
_entity.type
_entity.pdbx_description
1 polymer 'DNA/RNA (416-MER)'
2 non-polymer 'MAGNESIUM ION'
#
_entity_poly.entity_id   1
_entity_poly.type   'polydeoxyribonucleotide/polyribonucleotide hybrid'
_entity_poly.pdbx_seq_one_letter_code
;GGCAAGGUACGGCAUAUGGAUGCAGUUCACAGACUAAAUGUCGGUCGGGGAAGAUGUAUUCUUCUCAUAAGAUAUAGUCG
GACCUCUCCUUAAUGGGAGCUAGCGGAUGAAGUGAUGCAACACUGGAGCCGCUGGGAACUAAUUUGUAUGCGAAAGUAUA
UUGAUUAGUUUUGGAG(DG)(DA)(DG)(DG)(DG)(DA)(DA)AAGUUAUCAGGCAUGCACCUGGUAGCUAGUCUUUAA
ACCAAUAGAUUGCAUCGGUUUAAAAGGCAAGACCGUCAAAUUGCGGGAAAGGGGUCAACAGCCGUUCAGUACCAAGUCUC
AGGGGAAACUUUGAGAUGGCCUUGCAAAGGGUAUGGUAAUAAGCUGACGGACAUGGUCCUAACCACGCAGCCAAGUCCUA
AGUGCCGUAGGGGCUUGAGAACCCCCCCUCCCCACUC
;
_entity_poly.pdbx_strand_id   A
#
loop_
_chem_comp.id
_chem_comp.type
_chem_comp.name
_chem_comp.formula
A RNA linking ADENOSINE-5'-MONOPHOSPHATE 'C10 H14 N5 O7 P'
C RNA linking CYTIDINE-5'-MONOPHOSPHATE 'C9 H14 N3 O8 P'
DA DNA linking 2'-DEOXYADENOSINE-5'-MONOPHOSPHATE 'C10 H14 N5 O6 P'
DG DNA linking 2'-DEOXYGUANOSINE-5'-MONOPHOSPHATE 'C10 H14 N5 O7 P'
G RNA linking GUANOSINE-5'-MONOPHOSPHATE 'C10 H14 N5 O8 P'
MG non-polymer 'MAGNESIUM ION' 'Mg 2'
U RNA linking URIDINE-5'-MONOPHOSPHATE 'C9 H13 N2 O9 P'
#
# COMPACT_ATOMS: atom_id res chain seq x y z
MG MG B . 1.88 -4.14 -12.10
MG MG C . -5.53 -10.97 -13.82
MG MG D . 8.49 -19.81 -14.59
MG MG E . 13.35 8.26 -11.23
MG MG F . 12.68 7.28 -6.15
MG MG G . 17.16 1.30 -3.89
MG MG H . 21.01 15.95 1.39
MG MG I . 18.10 21.87 -1.26
MG MG J . 1.72 32.47 5.30
MG MG K . -2.08 37.14 6.45
MG MG L . -8.82 -4.23 10.14
MG MG M . -16.48 -5.12 18.24
MG MG N . -6.02 13.11 2.21
MG MG O . 2.24 7.01 0.92
MG MG P . -7.48 -5.10 -2.02
MG MG Q . -11.59 -4.88 -4.98
MG MG R . -11.00 -1.79 -10.72
MG MG S . -6.57 -9.71 0.66
MG MG T . -12.57 -14.86 8.49
MG MG U . -3.86 -13.74 12.80
MG MG V . -10.12 -9.80 30.29
MG MG W . 14.17 2.15 4.09
MG MG X . 19.81 6.30 11.83
MG MG Y . 19.57 -8.63 9.16
MG MG Z . -21.01 -13.04 -23.38
MG MG AA . -9.51 -14.19 -8.62
MG MG BA . -17.54 -12.83 -9.20
#